data_4RB2
#
_entry.id   4RB2
#
_cell.length_a   94.301
_cell.length_b   68.669
_cell.length_c   82.646
_cell.angle_alpha   90.00
_cell.angle_beta   109.25
_cell.angle_gamma   90.00
#
_symmetry.space_group_name_H-M   'C 1 2 1'
#
loop_
_entity.id
_entity.type
_entity.pdbx_description
1 polymer 'DNA (25-MER)'
2 polymer 'DNA (25-MER)'
3 polymer 'DNA-binding transcriptional dual regulator of siderophore biosynthesis and transport(Fur family)'
4 non-polymer 'MANGANESE (II) ION'
5 water water
#
loop_
_entity_poly.entity_id
_entity_poly.type
_entity_poly.pdbx_seq_one_letter_code
_entity_poly.pdbx_strand_id
1 'polydeoxyribonucleotide'
;(DT)(DT)(DA)(DA)(DT)(DT)(DG)(DC)(DA)(DA)(DA)(DT)(DC)(DA)(DT)(DT)(DT)(DG)(DC)(DA)
(DA)(DT)(DT)(DG)(DC)
;
A
2 'polydeoxyribonucleotide'
;(DG)(DC)(DA)(DA)(DT)(DT)(DG)(DC)(DA)(DA)(DA)(DT)(DG)(DA)(DT)(DT)(DT)(DG)(DC)(DA)
(DA)(DT)(DT)(DA)(DA)
;
B
3 'polypeptide(L)'
;GH(MSE)VSRIEQRCIDKG(MSE)K(MSE)TDQRRVIAQVLSDSADHPDVEEVYRRATAKDPRISIATVYRTVRLFEEES
ILERHDFGDGRARYEEAPSEHHDHLIDVNSARVIEFTSPEIEALQREIARKHGFRLVGHRLELYGVPLTSGGDSDDK
;
C,D
#
loop_
_chem_comp.id
_chem_comp.type
_chem_comp.name
_chem_comp.formula
DA DNA linking 2'-DEOXYADENOSINE-5'-MONOPHOSPHATE 'C10 H14 N5 O6 P'
DC DNA linking 2'-DEOXYCYTIDINE-5'-MONOPHOSPHATE 'C9 H14 N3 O7 P'
DG DNA linking 2'-DEOXYGUANOSINE-5'-MONOPHOSPHATE 'C10 H14 N5 O7 P'
DT DNA linking THYMIDINE-5'-MONOPHOSPHATE 'C10 H15 N2 O8 P'
MN non-polymer 'MANGANESE (II) ION' 'Mn 2'
#
# COMPACT_ATOMS: atom_id res chain seq x y z
N MSE C 3 26.41 0.09 -24.93
CA MSE C 3 26.24 -1.38 -25.16
C MSE C 3 25.92 -2.04 -23.85
O MSE C 3 25.00 -2.88 -23.79
CB MSE C 3 27.52 -1.97 -25.73
N VAL C 4 26.66 -1.69 -22.80
CA VAL C 4 26.44 -2.23 -21.47
C VAL C 4 25.64 -1.24 -20.62
N SER C 5 24.78 -1.79 -19.76
CA SER C 5 24.01 -0.99 -18.81
C SER C 5 24.31 -1.45 -17.38
N ARG C 6 24.10 -0.56 -16.42
CA ARG C 6 24.36 -0.85 -15.00
C ARG C 6 23.49 -1.99 -14.46
N ILE C 7 22.23 -2.03 -14.90
CA ILE C 7 21.30 -3.11 -14.52
C ILE C 7 21.53 -4.38 -15.35
N GLU C 8 22.17 -4.22 -16.51
CA GLU C 8 22.52 -5.34 -17.37
C GLU C 8 23.81 -6.02 -16.89
N GLN C 9 24.73 -5.20 -16.38
CA GLN C 9 25.99 -5.69 -15.82
C GLN C 9 25.76 -6.43 -14.51
N ARG C 10 24.76 -5.99 -13.75
CA ARG C 10 24.33 -6.67 -12.54
C ARG C 10 23.70 -8.03 -12.87
N CYS C 11 23.18 -8.13 -14.09
CA CYS C 11 22.54 -9.36 -14.57
C CYS C 11 23.56 -10.35 -15.15
N ILE C 12 24.61 -9.84 -15.77
CA ILE C 12 25.71 -10.68 -16.30
C ILE C 12 26.54 -11.24 -15.14
N ASP C 13 26.69 -10.44 -14.07
CA ASP C 13 27.39 -10.86 -12.86
C ASP C 13 26.61 -11.89 -12.04
N LYS C 14 25.29 -11.82 -12.10
CA LYS C 14 24.42 -12.76 -11.38
C LYS C 14 24.32 -14.11 -12.09
N GLY C 15 24.54 -14.10 -13.40
CA GLY C 15 24.60 -15.32 -14.20
C GLY C 15 23.32 -15.65 -14.96
N MSE C 16 22.72 -14.64 -15.59
CA MSE C 16 21.49 -14.81 -16.36
C MSE C 16 21.79 -14.68 -17.82
O MSE C 16 22.69 -13.95 -18.23
CB MSE C 16 20.49 -13.74 -15.95
N LYS C 17 21.00 -15.40 -18.63
CA LYS C 17 21.14 -15.37 -20.09
C LYS C 17 20.65 -14.05 -20.67
N MSE C 18 21.58 -13.26 -21.20
CA MSE C 18 21.28 -11.94 -21.74
C MSE C 18 20.62 -12.05 -23.09
O MSE C 18 21.10 -12.79 -23.97
CB MSE C 18 22.55 -11.10 -21.85
N THR C 19 19.50 -11.34 -23.25
CA THR C 19 18.72 -11.32 -24.50
C THR C 19 18.47 -9.90 -24.98
N ASP C 20 18.07 -9.77 -26.25
CA ASP C 20 17.81 -8.47 -26.87
C ASP C 20 16.87 -7.64 -26.01
N GLN C 21 15.69 -8.20 -25.73
CA GLN C 21 14.69 -7.54 -24.89
C GLN C 21 15.20 -7.28 -23.46
N ARG C 22 15.75 -8.32 -22.84
CA ARG C 22 16.25 -8.21 -21.46
C ARG C 22 17.41 -7.20 -21.35
N ARG C 23 18.09 -6.96 -22.46
CA ARG C 23 19.11 -5.91 -22.54
C ARG C 23 18.45 -4.54 -22.70
N VAL C 24 17.32 -4.51 -23.40
CA VAL C 24 16.57 -3.28 -23.61
C VAL C 24 15.87 -2.84 -22.32
N ILE C 25 15.22 -3.79 -21.66
CA ILE C 25 14.53 -3.52 -20.38
C ILE C 25 15.54 -3.11 -19.31
N ALA C 26 16.71 -3.76 -19.33
CA ALA C 26 17.82 -3.39 -18.44
C ALA C 26 18.35 -2.00 -18.76
N GLN C 27 18.27 -1.63 -20.03
CA GLN C 27 18.64 -0.30 -20.49
C GLN C 27 17.61 0.75 -20.05
N VAL C 28 16.33 0.42 -20.21
CA VAL C 28 15.23 1.34 -19.88
C VAL C 28 15.16 1.61 -18.37
N LEU C 29 15.30 0.55 -17.58
CA LEU C 29 15.25 0.67 -16.12
C LEU C 29 16.47 1.38 -15.55
N SER C 30 17.59 1.31 -16.27
CA SER C 30 18.80 2.06 -15.90
C SER C 30 18.62 3.55 -16.14
N ASP C 31 17.84 3.88 -17.19
CA ASP C 31 17.60 5.26 -17.58
C ASP C 31 16.63 5.99 -16.64
N SER C 32 15.52 5.33 -16.32
CA SER C 32 14.46 5.94 -15.52
C SER C 32 14.83 6.17 -14.06
N ALA C 33 14.11 7.08 -13.40
CA ALA C 33 14.26 7.35 -11.98
C ALA C 33 12.94 7.84 -11.39
N ASP C 34 11.84 7.41 -12.00
CA ASP C 34 10.50 7.93 -11.68
C ASP C 34 9.52 6.89 -11.12
N HIS C 35 10.06 5.75 -10.70
CA HIS C 35 9.25 4.61 -10.20
C HIS C 35 8.18 4.15 -11.19
N PRO C 36 8.58 3.84 -12.43
CA PRO C 36 7.59 3.48 -13.45
C PRO C 36 6.94 2.12 -13.20
N ASP C 37 5.64 2.02 -13.46
CA ASP C 37 4.93 0.75 -13.33
C ASP C 37 5.05 -0.07 -14.63
N VAL C 38 4.56 -1.31 -14.60
CA VAL C 38 4.77 -2.26 -15.70
C VAL C 38 4.34 -1.71 -17.06
N GLU C 39 3.12 -1.18 -17.14
CA GLU C 39 2.58 -0.61 -18.38
C GLU C 39 3.47 0.52 -18.90
N GLU C 40 3.91 1.39 -17.99
CA GLU C 40 4.79 2.52 -18.31
C GLU C 40 6.15 2.05 -18.81
N VAL C 41 6.73 1.07 -18.13
CA VAL C 41 7.99 0.44 -18.55
C VAL C 41 7.85 -0.16 -19.96
N TYR C 42 6.68 -0.70 -20.26
CA TYR C 42 6.39 -1.21 -21.59
C TYR C 42 6.47 -0.13 -22.66
N ARG C 43 5.80 1.00 -22.40
CA ARG C 43 5.79 2.15 -23.32
C ARG C 43 7.20 2.75 -23.52
N ARG C 44 8.04 2.66 -22.49
CA ARG C 44 9.40 3.18 -22.58
C ARG C 44 10.36 2.12 -23.13
N ALA C 45 9.95 0.85 -23.05
CA ALA C 45 10.78 -0.26 -23.52
C ALA C 45 10.76 -0.34 -25.03
N THR C 46 9.56 -0.32 -25.59
CA THR C 46 9.36 -0.36 -27.05
C THR C 46 9.98 0.83 -27.77
N ALA C 47 10.26 1.89 -27.03
CA ALA C 47 10.94 3.08 -27.54
C ALA C 47 12.32 2.75 -28.10
N LYS C 48 13.08 1.94 -27.35
CA LYS C 48 14.42 1.51 -27.78
C LYS C 48 14.35 0.42 -28.84
N ASP C 49 13.62 -0.65 -28.56
CA ASP C 49 13.44 -1.77 -29.50
C ASP C 49 12.08 -2.45 -29.32
N PRO C 50 11.18 -2.27 -30.31
CA PRO C 50 9.82 -2.84 -30.30
C PRO C 50 9.79 -4.36 -30.42
N ARG C 51 10.95 -5.01 -30.35
CA ARG C 51 11.04 -6.46 -30.42
C ARG C 51 10.60 -7.12 -29.11
N ILE C 52 9.75 -6.42 -28.34
CA ILE C 52 9.30 -6.89 -27.03
C ILE C 52 7.78 -6.85 -26.93
N SER C 53 7.21 -7.85 -26.26
CA SER C 53 5.78 -7.90 -25.99
C SER C 53 5.48 -7.66 -24.50
N ILE C 54 4.22 -7.36 -24.20
CA ILE C 54 3.78 -7.01 -22.84
C ILE C 54 3.93 -8.15 -21.82
N ALA C 55 3.72 -9.39 -22.26
CA ALA C 55 3.76 -10.55 -21.37
C ALA C 55 5.16 -10.84 -20.80
N THR C 56 6.20 -10.36 -21.47
CA THR C 56 7.58 -10.57 -21.02
C THR C 56 8.03 -9.51 -20.04
N VAL C 57 7.58 -8.28 -20.23
CA VAL C 57 7.89 -7.17 -19.34
C VAL C 57 7.60 -7.55 -17.88
N TYR C 58 6.52 -8.31 -17.67
CA TYR C 58 6.21 -8.84 -16.36
C TYR C 58 7.26 -9.84 -15.85
N ARG C 59 7.57 -10.86 -16.65
CA ARG C 59 8.54 -11.89 -16.25
C ARG C 59 9.91 -11.29 -15.95
N THR C 60 10.25 -10.24 -16.68
CA THR C 60 11.54 -9.55 -16.53
C THR C 60 11.56 -8.71 -15.25
N VAL C 61 10.51 -7.90 -15.08
CA VAL C 61 10.38 -7.02 -13.94
C VAL C 61 10.24 -7.82 -12.64
N ARG C 62 9.65 -9.00 -12.74
CA ARG C 62 9.49 -9.91 -11.61
C ARG C 62 10.82 -10.61 -11.28
N LEU C 63 11.52 -11.06 -12.32
CA LEU C 63 12.82 -11.72 -12.18
C LEU C 63 13.86 -10.78 -11.58
N PHE C 64 13.90 -9.55 -12.11
CA PHE C 64 14.80 -8.51 -11.62
C PHE C 64 14.57 -8.29 -10.14
N GLU C 65 13.30 -8.28 -9.74
CA GLU C 65 12.91 -8.14 -8.34
C GLU C 65 13.42 -9.32 -7.50
N GLU C 66 13.42 -10.51 -8.10
CA GLU C 66 13.92 -11.73 -7.43
C GLU C 66 15.42 -11.67 -7.16
N GLU C 67 16.19 -11.25 -8.17
CA GLU C 67 17.64 -11.14 -8.03
C GLU C 67 18.06 -9.89 -7.27
N SER C 68 17.06 -9.10 -6.86
CA SER C 68 17.23 -7.89 -6.05
C SER C 68 17.77 -6.68 -6.83
N ILE C 69 17.59 -6.73 -8.15
CA ILE C 69 17.86 -5.58 -9.01
C ILE C 69 16.81 -4.50 -8.75
N LEU C 70 15.55 -4.92 -8.68
CA LEU C 70 14.41 -4.01 -8.50
C LEU C 70 13.77 -4.13 -7.12
N GLU C 71 13.23 -3.00 -6.65
CA GLU C 71 12.41 -2.96 -5.46
C GLU C 71 10.96 -2.69 -5.87
N ARG C 72 10.02 -3.35 -5.20
CA ARG C 72 8.61 -3.25 -5.56
C ARG C 72 7.85 -2.37 -4.59
N HIS C 73 6.99 -1.49 -5.13
CA HIS C 73 6.10 -0.68 -4.32
C HIS C 73 4.65 -0.84 -4.78
N ASP C 74 3.83 -1.37 -3.88
CA ASP C 74 2.39 -1.36 -4.09
C ASP C 74 1.85 -0.13 -3.39
N PHE C 75 1.90 1.01 -4.08
CA PHE C 75 1.38 2.28 -3.56
C PHE C 75 -0.14 2.21 -3.36
N GLY C 76 -0.72 3.27 -2.80
CA GLY C 76 -2.13 3.29 -2.36
C GLY C 76 -3.22 3.04 -3.39
N ASP C 77 -2.85 2.50 -4.54
CA ASP C 77 -3.79 2.19 -5.61
C ASP C 77 -3.41 0.89 -6.33
N ARG C 79 -1.62 -1.65 -9.27
CA ARG C 79 -0.62 -1.44 -10.30
C ARG C 79 0.75 -1.33 -9.63
N ALA C 80 1.60 -2.34 -9.82
CA ALA C 80 2.90 -2.37 -9.18
C ALA C 80 3.88 -1.45 -9.91
N ARG C 81 4.46 -0.50 -9.18
CA ARG C 81 5.53 0.35 -9.72
C ARG C 81 6.89 -0.17 -9.23
N TYR C 82 7.96 0.13 -9.96
CA TYR C 82 9.30 -0.41 -9.66
C TYR C 82 10.41 0.63 -9.67
N GLU C 83 11.51 0.32 -9.00
CA GLU C 83 12.73 1.14 -9.04
C GLU C 83 13.95 0.26 -8.81
N GLU C 84 15.12 0.73 -9.24
CA GLU C 84 16.38 0.02 -8.98
C GLU C 84 16.65 0.07 -7.49
N ALA C 85 17.14 -1.04 -6.94
CA ALA C 85 17.41 -1.16 -5.49
C ALA C 85 18.34 -0.07 -4.97
N PRO C 86 17.79 0.93 -4.24
CA PRO C 86 18.56 2.06 -3.76
C PRO C 86 19.67 1.64 -2.81
N SER C 87 20.75 2.42 -2.79
CA SER C 87 21.88 2.17 -1.91
C SER C 87 21.53 2.51 -0.45
N GLU C 88 20.68 3.50 -0.26
CA GLU C 88 20.19 3.87 1.06
C GLU C 88 18.67 3.72 1.12
N HIS C 89 18.16 3.31 2.27
CA HIS C 89 16.71 3.22 2.48
C HIS C 89 16.10 4.61 2.48
N HIS C 90 14.89 4.71 1.93
CA HIS C 90 14.14 5.95 1.93
C HIS C 90 12.65 5.62 1.88
N ASP C 91 11.84 6.60 2.26
CA ASP C 91 10.39 6.46 2.12
C ASP C 91 9.94 7.29 0.92
N HIS C 92 8.64 7.53 0.76
CA HIS C 92 8.16 8.28 -0.41
C HIS C 92 7.10 9.34 -0.10
N LEU C 93 7.26 10.47 -0.77
CA LEU C 93 6.26 11.49 -0.82
C LEU C 93 5.66 11.47 -2.22
N ILE C 94 4.38 11.11 -2.30
CA ILE C 94 3.70 10.97 -3.57
C ILE C 94 2.82 12.20 -3.81
N ASP C 95 2.89 12.74 -5.02
CA ASP C 95 2.14 13.93 -5.40
C ASP C 95 0.76 13.55 -5.92
N VAL C 96 -0.28 13.93 -5.18
CA VAL C 96 -1.66 13.61 -5.58
C VAL C 96 -2.13 14.53 -6.70
N ASN C 97 -1.24 15.45 -7.07
CA ASN C 97 -1.52 16.49 -8.05
C ASN C 97 -0.87 16.18 -9.41
N SER C 98 0.18 15.36 -9.40
CA SER C 98 0.91 14.99 -10.61
C SER C 98 1.63 13.64 -10.46
N ALA C 99 2.40 13.26 -11.48
CA ALA C 99 3.12 11.99 -11.49
C ALA C 99 4.36 11.98 -10.58
N ARG C 100 4.85 13.17 -10.24
CA ARG C 100 6.09 13.33 -9.47
C ARG C 100 6.03 12.55 -8.15
N VAL C 101 7.18 11.95 -7.79
CA VAL C 101 7.34 11.18 -6.57
C VAL C 101 8.67 11.56 -5.92
N ILE C 102 8.63 11.96 -4.66
CA ILE C 102 9.80 12.51 -3.97
C ILE C 102 10.36 11.58 -2.89
N GLU C 103 11.66 11.33 -2.94
CA GLU C 103 12.31 10.43 -1.99
C GLU C 103 12.89 11.16 -0.79
N PHE C 104 12.69 10.60 0.40
CA PHE C 104 13.18 11.20 1.65
C PHE C 104 13.57 10.22 2.76
N THR C 105 14.40 10.73 3.66
CA THR C 105 14.84 10.00 4.84
C THR C 105 14.63 10.90 6.05
N SER C 106 14.01 10.36 7.09
CA SER C 106 13.92 11.07 8.35
C SER C 106 14.36 10.11 9.44
N PRO C 107 15.60 10.31 9.94
CA PRO C 107 16.18 9.41 10.95
C PRO C 107 15.36 9.39 12.24
N GLU C 108 14.71 10.50 12.56
CA GLU C 108 13.86 10.62 13.75
C GLU C 108 12.67 9.65 13.66
N ILE C 109 12.02 9.62 12.50
CA ILE C 109 10.88 8.74 12.26
C ILE C 109 11.31 7.27 12.36
N GLU C 110 12.36 6.93 11.63
CA GLU C 110 12.96 5.60 11.65
C GLU C 110 13.28 5.21 13.09
N ALA C 111 13.63 6.20 13.91
CA ALA C 111 13.98 5.98 15.31
C ALA C 111 12.74 5.90 16.20
N LEU C 112 11.72 6.70 15.90
CA LEU C 112 10.48 6.62 16.65
C LEU C 112 9.78 5.31 16.31
N GLN C 113 9.98 4.84 15.07
CA GLN C 113 9.46 3.55 14.65
C GLN C 113 10.06 2.45 15.53
N ARG C 114 11.38 2.47 15.69
CA ARG C 114 12.08 1.48 16.53
C ARG C 114 11.58 1.50 17.98
N GLU C 115 11.44 2.71 18.54
CA GLU C 115 10.94 2.89 19.91
C GLU C 115 9.55 2.30 20.09
N ILE C 116 8.72 2.44 19.05
CA ILE C 116 7.35 1.91 19.06
C ILE C 116 7.34 0.38 19.07
N ALA C 117 8.14 -0.23 18.18
CA ALA C 117 8.27 -1.69 18.15
C ALA C 117 8.84 -2.22 19.48
N ARG C 118 9.81 -1.50 20.03
CA ARG C 118 10.49 -1.88 21.27
C ARG C 118 9.55 -1.86 22.48
N LYS C 119 8.77 -0.79 22.61
CA LYS C 119 7.85 -0.63 23.74
C LYS C 119 6.60 -1.48 23.55
N HIS C 120 6.46 -2.08 22.38
CA HIS C 120 5.40 -3.03 22.12
C HIS C 120 5.92 -4.47 22.19
N GLY C 121 7.19 -4.61 22.55
CA GLY C 121 7.83 -5.91 22.63
C GLY C 121 7.99 -6.52 21.25
N PHE C 122 8.46 -5.71 20.32
CA PHE C 122 8.73 -6.19 18.98
C PHE C 122 10.11 -5.78 18.51
N ARG C 123 10.71 -6.68 17.75
CA ARG C 123 11.87 -6.35 16.96
C ARG C 123 11.35 -5.89 15.61
N LEU C 124 11.61 -4.64 15.27
CA LEU C 124 11.19 -4.08 13.99
C LEU C 124 11.97 -4.72 12.84
N VAL C 125 11.27 -5.45 11.98
CA VAL C 125 11.91 -6.20 10.88
C VAL C 125 11.65 -5.58 9.49
N GLY C 126 10.86 -4.51 9.47
CA GLY C 126 10.51 -3.81 8.23
C GLY C 126 9.41 -2.78 8.44
N HIS C 127 9.26 -1.88 7.48
CA HIS C 127 8.25 -0.83 7.56
C HIS C 127 7.94 -0.24 6.19
N ARG C 128 6.71 0.25 6.05
CA ARG C 128 6.29 1.00 4.87
C ARG C 128 5.87 2.40 5.30
N LEU C 129 6.31 3.40 4.55
CA LEU C 129 5.85 4.76 4.78
C LEU C 129 5.66 5.47 3.46
N GLU C 130 4.51 6.12 3.35
CA GLU C 130 4.15 6.89 2.19
C GLU C 130 3.37 8.10 2.66
N LEU C 131 3.78 9.28 2.20
CA LEU C 131 3.05 10.50 2.50
C LEU C 131 2.44 11.00 1.20
N TYR C 132 1.25 11.56 1.29
CA TYR C 132 0.52 12.06 0.13
C TYR C 132 0.29 13.57 0.26
N GLY C 133 0.77 14.32 -0.73
CA GLY C 133 0.71 15.77 -0.66
C GLY C 133 0.18 16.51 -1.88
N VAL C 134 -0.43 17.66 -1.61
CA VAL C 134 -0.72 18.68 -2.63
C VAL C 134 0.23 19.86 -2.47
N PRO C 135 0.59 20.53 -3.58
CA PRO C 135 1.29 21.81 -3.47
C PRO C 135 0.58 22.78 -2.53
N LEU C 136 1.35 23.45 -1.67
CA LEU C 136 0.79 24.34 -0.66
C LEU C 136 0.00 25.51 -1.23
N THR C 137 -1.22 25.68 -0.75
CA THR C 137 -2.13 26.71 -1.23
C THR C 137 -2.22 27.88 -0.25
N MSE D 3 -32.29 -1.76 18.98
CA MSE D 3 -30.80 -1.87 18.99
C MSE D 3 -30.27 -1.84 17.57
O MSE D 3 -30.40 -2.81 16.82
CB MSE D 3 -30.38 -3.17 19.69
N VAL D 4 -29.68 -0.70 17.21
CA VAL D 4 -29.04 -0.55 15.90
C VAL D 4 -27.53 -0.40 16.05
N SER D 5 -26.79 -1.08 15.19
CA SER D 5 -25.32 -1.03 15.20
C SER D 5 -24.82 0.38 14.92
N ARG D 6 -23.68 0.74 15.51
CA ARG D 6 -23.11 2.09 15.36
C ARG D 6 -22.99 2.50 13.89
N ILE D 7 -22.66 1.52 13.04
CA ILE D 7 -22.60 1.72 11.59
C ILE D 7 -23.99 1.92 10.99
N GLU D 8 -24.96 1.11 11.43
CA GLU D 8 -26.33 1.26 10.95
C GLU D 8 -26.86 2.66 11.24
N GLN D 9 -26.64 3.14 12.45
CA GLN D 9 -27.08 4.48 12.84
C GLN D 9 -26.51 5.53 11.88
N ARG D 10 -25.23 5.39 11.54
CA ARG D 10 -24.56 6.34 10.64
C ARG D 10 -25.17 6.33 9.24
N CYS D 11 -25.55 5.15 8.75
CA CYS D 11 -26.20 5.00 7.46
C CYS D 11 -27.57 5.67 7.42
N ILE D 12 -28.31 5.56 8.52
CA ILE D 12 -29.63 6.17 8.65
C ILE D 12 -29.51 7.69 8.59
N ASP D 13 -28.64 8.25 9.43
CA ASP D 13 -28.41 9.69 9.49
C ASP D 13 -27.87 10.28 8.18
N LYS D 14 -27.27 9.42 7.35
CA LYS D 14 -26.73 9.87 6.07
C LYS D 14 -27.76 9.81 4.95
N GLY D 15 -28.94 9.28 5.26
CA GLY D 15 -30.04 9.18 4.32
C GLY D 15 -30.20 7.84 3.62
N MSE D 16 -29.18 6.99 3.72
CA MSE D 16 -29.14 5.73 2.99
C MSE D 16 -30.31 4.83 3.25
O MSE D 16 -30.81 4.73 4.37
CB MSE D 16 -27.91 4.97 3.44
CG MSE D 16 -26.65 5.60 2.88
SE MSE D 16 -25.14 4.50 3.50
CE MSE D 16 -23.97 5.99 3.97
N LYS D 17 -30.77 4.17 2.19
CA LYS D 17 -31.80 3.14 2.30
C LYS D 17 -31.28 1.92 3.07
N MSE D 18 -32.09 1.46 4.03
CA MSE D 18 -31.71 0.36 4.90
C MSE D 18 -32.38 -0.92 4.49
O MSE D 18 -33.53 -1.19 4.83
CB MSE D 18 -32.06 0.73 6.34
CG MSE D 18 -30.93 0.36 7.29
SE MSE D 18 -29.24 1.22 6.73
CE MSE D 18 -28.02 -0.16 7.46
N THR D 19 -31.63 -1.73 3.74
CA THR D 19 -32.08 -3.05 3.33
C THR D 19 -31.69 -4.08 4.41
N ASP D 20 -32.23 -5.29 4.28
CA ASP D 20 -31.93 -6.38 5.18
C ASP D 20 -30.45 -6.76 5.16
N GLN D 21 -29.87 -6.77 3.96
CA GLN D 21 -28.47 -7.13 3.78
C GLN D 21 -27.53 -6.05 4.31
N ARG D 22 -27.90 -4.78 4.12
CA ARG D 22 -27.12 -3.68 4.67
C ARG D 22 -27.23 -3.64 6.19
N ARG D 23 -28.37 -4.08 6.70
CA ARG D 23 -28.58 -4.22 8.14
C ARG D 23 -27.49 -5.12 8.76
N VAL D 24 -27.25 -6.26 8.12
CA VAL D 24 -26.31 -7.25 8.66
C VAL D 24 -24.84 -6.87 8.46
N ILE D 25 -24.48 -6.50 7.23
CA ILE D 25 -23.10 -6.10 6.92
C ILE D 25 -22.61 -4.98 7.86
N ALA D 26 -23.49 -4.02 8.16
CA ALA D 26 -23.19 -3.00 9.16
C ALA D 26 -22.93 -3.67 10.50
N GLN D 27 -23.89 -4.46 10.96
CA GLN D 27 -23.72 -5.23 12.18
C GLN D 27 -22.33 -5.90 12.22
N VAL D 28 -22.04 -6.71 11.19
CA VAL D 28 -20.79 -7.45 11.07
C VAL D 28 -19.57 -6.54 11.29
N LEU D 29 -19.54 -5.40 10.60
CA LEU D 29 -18.40 -4.50 10.64
C LEU D 29 -18.42 -3.57 11.86
N SER D 30 -19.49 -3.64 12.64
CA SER D 30 -19.57 -2.89 13.89
C SER D 30 -19.07 -3.77 15.04
N ASP D 31 -19.04 -5.07 14.77
CA ASP D 31 -18.68 -6.06 15.78
C ASP D 31 -17.34 -6.72 15.48
N SER D 32 -16.76 -6.40 14.32
CA SER D 32 -15.48 -6.98 13.92
C SER D 32 -14.30 -6.22 14.55
N ALA D 33 -13.63 -6.91 15.49
CA ALA D 33 -12.50 -6.34 16.20
C ALA D 33 -11.24 -6.31 15.34
N ASP D 34 -11.17 -7.21 14.36
CA ASP D 34 -10.00 -7.32 13.49
C ASP D 34 -10.17 -6.50 12.21
N HIS D 35 -9.47 -6.91 11.16
CA HIS D 35 -9.48 -6.18 9.89
C HIS D 35 -9.84 -7.12 8.73
N PRO D 36 -11.11 -7.55 8.66
CA PRO D 36 -11.54 -8.59 7.72
C PRO D 36 -11.46 -8.14 6.27
N ASP D 37 -11.31 -9.10 5.37
CA ASP D 37 -11.35 -8.82 3.94
C ASP D 37 -12.76 -9.05 3.42
N VAL D 38 -13.01 -8.65 2.18
CA VAL D 38 -14.34 -8.79 1.56
C VAL D 38 -14.84 -10.23 1.63
N GLU D 39 -13.97 -11.20 1.35
CA GLU D 39 -14.30 -12.62 1.46
C GLU D 39 -14.77 -13.00 2.87
N GLU D 40 -14.12 -12.44 3.88
CA GLU D 40 -14.45 -12.75 5.27
C GLU D 40 -15.68 -12.00 5.75
N VAL D 41 -15.85 -10.75 5.29
CA VAL D 41 -17.03 -9.95 5.63
C VAL D 41 -18.27 -10.62 5.05
N TYR D 42 -18.09 -11.26 3.89
CA TYR D 42 -19.13 -12.04 3.23
C TYR D 42 -19.51 -13.23 4.08
N ARG D 43 -18.55 -14.13 4.32
CA ARG D 43 -18.78 -15.33 5.14
C ARG D 43 -19.49 -15.00 6.47
N ARG D 44 -19.05 -13.94 7.14
CA ARG D 44 -19.65 -13.52 8.41
C ARG D 44 -21.08 -13.01 8.23
N ALA D 45 -21.33 -12.30 7.13
CA ALA D 45 -22.67 -11.82 6.80
C ALA D 45 -23.56 -12.97 6.36
N THR D 46 -23.04 -13.78 5.43
CA THR D 46 -23.73 -14.97 4.93
C THR D 46 -24.08 -15.93 6.07
N ALA D 47 -23.29 -15.87 7.14
CA ALA D 47 -23.54 -16.67 8.34
C ALA D 47 -24.80 -16.19 9.05
N LYS D 48 -24.86 -14.88 9.34
CA LYS D 48 -25.97 -14.29 10.10
C LYS D 48 -27.29 -14.25 9.31
N ASP D 49 -27.19 -14.41 7.99
CA ASP D 49 -28.34 -14.57 7.08
C ASP D 49 -27.84 -14.92 5.69
N PRO D 50 -28.30 -16.05 5.12
CA PRO D 50 -27.82 -16.49 3.80
C PRO D 50 -28.37 -15.66 2.64
N ARG D 51 -29.04 -14.55 2.96
CA ARG D 51 -29.72 -13.72 1.96
C ARG D 51 -28.76 -12.95 1.04
N ILE D 52 -27.62 -12.53 1.58
CA ILE D 52 -26.67 -11.68 0.87
C ILE D 52 -25.83 -12.42 -0.19
N SER D 53 -25.43 -11.69 -1.22
CA SER D 53 -24.48 -12.20 -2.22
C SER D 53 -23.17 -11.45 -2.11
N ILE D 54 -22.15 -11.96 -2.80
CA ILE D 54 -20.82 -11.35 -2.79
C ILE D 54 -20.84 -9.92 -3.31
N ALA D 55 -21.48 -9.71 -4.45
CA ALA D 55 -21.50 -8.40 -5.11
C ALA D 55 -22.07 -7.33 -4.18
N THR D 56 -23.11 -7.69 -3.44
CA THR D 56 -23.75 -6.78 -2.49
C THR D 56 -22.74 -6.35 -1.46
N VAL D 57 -21.90 -7.29 -1.02
CA VAL D 57 -20.88 -7.00 -0.02
C VAL D 57 -19.80 -6.08 -0.59
N TYR D 58 -19.35 -6.36 -1.81
CA TYR D 58 -18.42 -5.49 -2.51
C TYR D 58 -18.99 -4.07 -2.65
N ARG D 59 -20.23 -3.99 -3.15
CA ARG D 59 -20.91 -2.72 -3.29
C ARG D 59 -21.10 -1.97 -1.98
N THR D 60 -21.48 -2.71 -0.92
CA THR D 60 -21.83 -2.10 0.36
C THR D 60 -20.60 -1.59 1.10
N VAL D 61 -19.48 -2.29 0.92
CA VAL D 61 -18.24 -1.95 1.61
C VAL D 61 -17.56 -0.76 0.90
N ARG D 62 -17.82 -0.62 -0.39
CA ARG D 62 -17.31 0.49 -1.16
C ARG D 62 -18.14 1.72 -0.87
N LEU D 63 -19.45 1.52 -0.70
CA LEU D 63 -20.38 2.59 -0.34
C LEU D 63 -19.94 3.19 0.99
N PHE D 64 -19.76 2.32 1.99
CA PHE D 64 -19.37 2.70 3.34
C PHE D 64 -18.04 3.45 3.39
N GLU D 65 -17.03 2.94 2.68
CA GLU D 65 -15.72 3.57 2.65
C GLU D 65 -15.77 4.97 2.03
N GLU D 66 -16.58 5.13 0.98
CA GLU D 66 -16.81 6.41 0.34
C GLU D 66 -17.52 7.42 1.25
N GLU D 67 -18.37 6.91 2.16
CA GLU D 67 -19.11 7.75 3.09
C GLU D 67 -18.40 7.84 4.44
N SER D 68 -17.09 7.57 4.43
CA SER D 68 -16.21 7.61 5.61
C SER D 68 -16.69 6.76 6.79
N ILE D 69 -17.38 5.66 6.48
CA ILE D 69 -17.84 4.72 7.51
C ILE D 69 -16.78 3.66 7.79
N LEU D 70 -16.12 3.18 6.74
CA LEU D 70 -15.02 2.22 6.86
C LEU D 70 -13.73 2.79 6.33
N GLU D 71 -12.61 2.25 6.79
CA GLU D 71 -11.32 2.55 6.21
C GLU D 71 -10.83 1.33 5.45
N ARG D 72 -10.39 1.54 4.21
CA ARG D 72 -9.80 0.47 3.41
C ARG D 72 -8.35 0.28 3.84
N HIS D 73 -7.82 -0.93 3.63
CA HIS D 73 -6.40 -1.19 3.88
C HIS D 73 -5.85 -2.19 2.87
N ASP D 74 -4.62 -1.93 2.42
CA ASP D 74 -3.91 -2.84 1.54
C ASP D 74 -2.54 -3.12 2.12
N PHE D 75 -2.52 -3.85 3.23
CA PHE D 75 -1.27 -4.30 3.87
C PHE D 75 -0.35 -5.05 2.90
N GLY D 76 -0.93 -5.56 1.82
CA GLY D 76 -0.18 -6.29 0.78
C GLY D 76 -0.38 -7.79 0.88
N ASP D 77 -1.61 -8.22 0.66
CA ASP D 77 -1.96 -9.64 0.71
C ASP D 77 -2.65 -10.06 -0.58
N GLY D 78 -2.78 -9.11 -1.50
CA GLY D 78 -3.49 -9.33 -2.76
C GLY D 78 -4.95 -8.94 -2.68
N ARG D 79 -5.44 -8.71 -1.46
CA ARG D 79 -6.84 -8.33 -1.23
C ARG D 79 -6.93 -7.09 -0.32
N ALA D 80 -8.07 -6.41 -0.37
CA ALA D 80 -8.31 -5.23 0.46
C ALA D 80 -9.03 -5.57 1.75
N ARG D 81 -8.61 -4.92 2.84
CA ARG D 81 -9.18 -5.15 4.17
C ARG D 81 -9.83 -3.89 4.74
N TYR D 82 -10.88 -4.08 5.53
CA TYR D 82 -11.68 -2.97 6.04
C TYR D 82 -11.89 -3.01 7.54
N GLU D 83 -12.04 -1.82 8.12
CA GLU D 83 -12.43 -1.67 9.52
C GLU D 83 -13.37 -0.46 9.67
N GLU D 84 -14.14 -0.45 10.76
CA GLU D 84 -14.99 0.68 11.09
C GLU D 84 -14.11 1.88 11.40
N ALA D 85 -14.40 2.99 10.73
CA ALA D 85 -13.66 4.23 10.94
C ALA D 85 -13.59 4.51 12.45
N PRO D 86 -12.38 4.56 13.03
CA PRO D 86 -12.26 4.77 14.47
C PRO D 86 -12.39 6.25 14.82
N SER D 87 -12.46 6.55 16.12
CA SER D 87 -12.62 7.93 16.56
C SER D 87 -11.39 8.77 16.25
N GLU D 88 -10.21 8.25 16.58
CA GLU D 88 -8.97 8.94 16.23
C GLU D 88 -8.04 8.06 15.38
N HIS D 89 -7.29 8.71 14.49
CA HIS D 89 -6.37 8.04 13.60
C HIS D 89 -5.38 7.18 14.38
N HIS D 90 -5.15 5.98 13.87
CA HIS D 90 -4.11 5.13 14.38
C HIS D 90 -3.39 4.52 13.19
N ASP D 91 -2.20 3.97 13.43
CA ASP D 91 -1.46 3.24 12.42
C ASP D 91 -1.35 1.78 12.85
N HIS D 92 -0.71 0.94 12.02
CA HIS D 92 -0.80 -0.50 12.21
C HIS D 92 0.55 -1.21 12.33
N LEU D 93 0.70 -1.98 13.40
CA LEU D 93 1.85 -2.83 13.60
C LEU D 93 1.44 -4.25 13.26
N ILE D 94 2.18 -4.86 12.34
CA ILE D 94 1.86 -6.18 11.85
C ILE D 94 2.95 -7.18 12.27
N ASP D 95 2.54 -8.25 12.93
CA ASP D 95 3.46 -9.30 13.33
C ASP D 95 3.72 -10.22 12.13
N VAL D 96 4.95 -10.19 11.63
CA VAL D 96 5.30 -10.96 10.45
C VAL D 96 5.32 -12.47 10.70
N ASN D 97 4.94 -12.87 11.90
CA ASN D 97 4.88 -14.29 12.23
C ASN D 97 3.44 -14.81 12.19
N SER D 98 2.48 -13.95 12.50
CA SER D 98 1.09 -14.38 12.61
C SER D 98 0.09 -13.49 11.87
N ALA D 99 0.57 -12.42 11.24
CA ALA D 99 -0.26 -11.44 10.51
C ALA D 99 -1.42 -10.84 11.33
N ARG D 100 -1.42 -11.09 12.64
CA ARG D 100 -2.31 -10.40 13.58
C ARG D 100 -1.84 -8.94 13.70
N VAL D 101 -2.75 -8.04 14.10
CA VAL D 101 -2.48 -6.61 13.99
C VAL D 101 -2.57 -5.83 15.31
N ILE D 102 -1.53 -5.06 15.60
CA ILE D 102 -1.53 -4.13 16.73
C ILE D 102 -1.69 -2.70 16.20
N GLU D 103 -2.53 -1.92 16.88
CA GLU D 103 -2.78 -0.53 16.50
C GLU D 103 -2.05 0.44 17.41
N PHE D 104 -1.30 1.39 16.83
CA PHE D 104 -0.58 2.39 17.63
C PHE D 104 -0.82 3.82 17.17
N THR D 105 -0.37 4.79 17.97
CA THR D 105 -0.58 6.20 17.63
C THR D 105 0.71 6.99 17.34
N SER D 106 1.28 7.63 18.37
CA SER D 106 2.50 8.44 18.23
C SER D 106 2.29 9.71 17.40
N PRO D 107 1.80 10.79 18.04
CA PRO D 107 1.66 12.08 17.37
C PRO D 107 3.00 12.70 16.99
N GLU D 108 4.08 12.25 17.63
CA GLU D 108 5.42 12.72 17.33
C GLU D 108 5.78 12.44 15.87
N ILE D 109 5.50 11.23 15.41
CA ILE D 109 5.69 10.88 14.01
C ILE D 109 4.79 11.76 13.14
N GLU D 110 3.52 11.88 13.52
CA GLU D 110 2.54 12.67 12.79
C GLU D 110 2.98 14.13 12.62
N ALA D 111 3.62 14.68 13.65
CA ALA D 111 4.22 16.02 13.56
C ALA D 111 5.33 16.04 12.51
N LEU D 112 6.27 15.09 12.63
CA LEU D 112 7.43 15.01 11.73
C LEU D 112 7.00 14.80 10.27
N GLN D 113 5.94 14.03 10.07
CA GLN D 113 5.37 13.81 8.74
C GLN D 113 4.94 15.13 8.11
N ARG D 114 4.15 15.91 8.84
CA ARG D 114 3.70 17.23 8.39
C ARG D 114 4.88 18.15 8.10
N GLU D 115 5.90 18.06 8.95
CA GLU D 115 7.15 18.82 8.79
C GLU D 115 7.86 18.43 7.50
N ILE D 116 7.94 17.12 7.23
CA ILE D 116 8.56 16.60 6.01
C ILE D 116 7.81 17.02 4.74
N ALA D 117 6.48 16.99 4.82
CA ALA D 117 5.63 17.41 3.72
C ALA D 117 5.84 18.89 3.41
N ARG D 118 5.85 19.72 4.46
CA ARG D 118 6.05 21.18 4.31
C ARG D 118 7.41 21.52 3.69
N LYS D 119 8.45 20.78 4.09
CA LYS D 119 9.83 21.00 3.62
C LYS D 119 10.08 20.52 2.18
N HIS D 120 9.01 20.19 1.46
CA HIS D 120 9.11 19.78 0.05
C HIS D 120 8.14 20.54 -0.84
N GLY D 121 7.44 21.52 -0.25
CA GLY D 121 6.47 22.34 -0.95
C GLY D 121 5.04 21.86 -0.77
N PHE D 122 4.86 20.81 0.04
CA PHE D 122 3.59 20.10 0.08
C PHE D 122 2.80 20.22 1.38
N ARG D 123 1.49 20.08 1.24
CA ARG D 123 0.57 19.91 2.35
C ARG D 123 0.28 18.41 2.39
N LEU D 124 0.09 17.87 3.59
CA LEU D 124 -0.11 16.42 3.76
C LEU D 124 -1.61 16.07 3.75
N VAL D 125 -2.09 15.47 2.66
CA VAL D 125 -3.51 15.06 2.56
C VAL D 125 -3.80 13.65 3.08
N GLY D 126 -2.84 12.75 2.91
CA GLY D 126 -2.95 11.38 3.39
C GLY D 126 -1.61 10.73 3.61
N HIS D 127 -1.59 9.66 4.40
CA HIS D 127 -0.38 8.90 4.62
C HIS D 127 -0.69 7.43 4.90
N ARG D 128 0.33 6.60 4.88
CA ARG D 128 0.16 5.19 5.21
C ARG D 128 1.44 4.68 5.85
N LEU D 129 1.36 4.34 7.15
CA LEU D 129 2.50 3.77 7.87
C LEU D 129 2.19 2.37 8.43
N GLU D 130 2.88 1.38 7.88
CA GLU D 130 2.86 0.02 8.41
C GLU D 130 4.18 -0.27 9.06
N LEU D 131 4.13 -0.80 10.29
CA LEU D 131 5.32 -1.36 10.91
C LEU D 131 5.21 -2.87 10.86
N TYR D 132 6.34 -3.50 10.58
CA TYR D 132 6.44 -4.96 10.55
C TYR D 132 7.49 -5.41 11.57
N GLY D 133 7.14 -6.38 12.40
CA GLY D 133 8.04 -6.81 13.46
C GLY D 133 7.78 -8.19 14.04
N VAL D 134 8.83 -8.76 14.63
CA VAL D 134 8.73 -10.04 15.34
C VAL D 134 8.73 -9.76 16.84
N PRO D 135 7.96 -10.56 17.62
CA PRO D 135 7.97 -10.45 19.08
C PRO D 135 9.27 -10.97 19.71
N LEU D 136 9.42 -10.76 21.01
CA LEU D 136 10.62 -11.19 21.73
C LEU D 136 10.38 -12.47 22.53
MN MN E . 11.32 4.62 6.50
MN MN F . 12.10 5.13 -4.36
MN MN G . 0.00 7.92 11.09
MN MN H . -7.04 -0.57 12.50
#